data_6HCT
#
_entry.id   6HCT
#
_cell.length_a   142.140
_cell.length_b   142.140
_cell.length_c   166.798
_cell.angle_alpha   90.00
_cell.angle_beta   90.00
_cell.angle_gamma   90.00
#
_symmetry.space_group_name_H-M   'I 4 2 2'
#
loop_
_entity.id
_entity.type
_entity.pdbx_description
1 polymer "RNA (5'-R(*GP*CP*CP*GP*AP*UP*GP*AP*AP*UP*GP*CP*AP*UP*GP*AP*AP*GP*C)-3')"
2 polymer '50S ribosomal protein L7Ae'
3 polymer "RNA (5'-R(*GP*CP*CP*GP*AP*UP*GP*AP*AP*UP*G)-3')"
4 polymer "RNA (5'-R(P*CP*AP*UP*GP*AP*AP*GP*C)-3')"
5 non-polymer 'SODIUM ION'
6 non-polymer 'SULFATE ION'
#
loop_
_entity_poly.entity_id
_entity_poly.type
_entity_poly.pdbx_seq_one_letter_code
_entity_poly.pdbx_strand_id
1 'polyribonucleotide' GCCGAUGAAUGCAUGAAGC A,B
2 'polypeptide(L)'
;SYVRFEVPEDMQNEALSLLEKVRESGKVKKGTNETTKAVERGLAKLVYIAEDVDPPEIVAHLPLLCEEKNVPYIYVKSKN
DLGRAVGIEVPCASAAIINEGELRKELGSLVEKIKGL
;
C,D,G
3 'polyribonucleotide' GCCGAUGAAUG E
4 'polyribonucleotide' CAUGAAGC F
#
# COMPACT_ATOMS: atom_id res chain seq x y z
N SER C 1 -38.93 1.81 -19.14
CA SER C 1 -37.48 1.89 -18.96
C SER C 1 -36.88 3.08 -19.76
N TYR C 2 -35.58 3.31 -19.62
CA TYR C 2 -34.83 4.19 -20.54
C TYR C 2 -34.58 3.52 -21.90
N VAL C 3 -35.24 2.40 -22.23
CA VAL C 3 -34.95 1.67 -23.46
C VAL C 3 -35.83 2.16 -24.59
N ARG C 4 -35.20 2.55 -25.70
CA ARG C 4 -35.92 3.11 -26.83
C ARG C 4 -36.13 2.12 -27.96
N PHE C 5 -35.53 0.94 -27.90
CA PHE C 5 -35.82 -0.12 -28.87
C PHE C 5 -35.23 -1.44 -28.42
N GLU C 6 -35.86 -2.53 -28.85
CA GLU C 6 -35.35 -3.87 -28.62
C GLU C 6 -34.32 -4.22 -29.69
N VAL C 7 -33.37 -5.07 -29.33
CA VAL C 7 -32.25 -5.43 -30.20
C VAL C 7 -32.23 -6.94 -30.36
N PRO C 8 -32.19 -7.46 -31.59
CA PRO C 8 -32.09 -8.91 -31.76
C PRO C 8 -30.82 -9.40 -31.10
N GLU C 9 -30.97 -10.43 -30.28
CA GLU C 9 -29.84 -10.97 -29.55
C GLU C 9 -28.70 -11.36 -30.48
N ASP C 10 -29.01 -11.75 -31.73
CA ASP C 10 -27.94 -11.97 -32.70
C ASP C 10 -27.07 -10.74 -32.81
N MET C 11 -27.72 -9.58 -32.97
CA MET C 11 -27.02 -8.30 -33.03
C MET C 11 -26.23 -8.08 -31.74
N GLN C 12 -26.83 -8.40 -30.60
CA GLN C 12 -26.16 -8.22 -29.31
C GLN C 12 -24.87 -9.05 -29.22
N ASN C 13 -24.95 -10.36 -29.45
CA ASN C 13 -23.75 -11.20 -29.37
C ASN C 13 -22.72 -10.81 -30.40
N GLU C 14 -23.15 -10.48 -31.62
CA GLU C 14 -22.20 -9.96 -32.59
C GLU C 14 -21.47 -8.77 -31.99
N ALA C 15 -22.21 -7.89 -31.32
CA ALA C 15 -21.61 -6.70 -30.71
C ALA C 15 -20.62 -7.09 -29.63
N LEU C 16 -21.01 -8.01 -28.75
CA LEU C 16 -20.14 -8.40 -27.65
C LEU C 16 -18.87 -9.07 -28.15
N SER C 17 -19.01 -10.03 -29.07
CA SER C 17 -17.85 -10.70 -29.63
C SER C 17 -16.95 -9.70 -30.30
N LEU C 18 -17.55 -8.74 -31.01
CA LEU C 18 -16.82 -7.63 -31.61
C LEU C 18 -16.04 -6.86 -30.57
N LEU C 19 -16.66 -6.65 -29.40
CA LEU C 19 -16.05 -5.83 -28.37
C LEU C 19 -14.83 -6.53 -27.76
N GLU C 20 -14.97 -7.82 -27.42
CA GLU C 20 -13.76 -8.55 -27.03
C GLU C 20 -12.68 -8.47 -28.10
N LYS C 21 -13.06 -8.64 -29.37
CA LYS C 21 -12.04 -8.66 -30.43
C LYS C 21 -11.33 -7.31 -30.52
N VAL C 22 -12.04 -6.24 -30.24
CA VAL C 22 -11.46 -4.91 -30.33
C VAL C 22 -10.53 -4.64 -29.15
N ARG C 23 -10.88 -5.16 -27.95
CA ARG C 23 -10.17 -4.88 -26.70
C ARG C 23 -8.64 -4.87 -26.80
N GLU C 24 -8.11 -5.64 -27.75
CA GLU C 24 -6.69 -5.95 -27.86
C GLU C 24 -5.99 -5.29 -29.04
N SER C 25 -6.71 -5.00 -30.12
CA SER C 25 -6.13 -4.33 -31.27
C SER C 25 -6.58 -2.88 -31.43
N GLY C 26 -7.50 -2.40 -30.58
CA GLY C 26 -8.00 -1.04 -30.67
C GLY C 26 -8.10 -0.33 -29.34
N LYS C 27 -9.09 0.56 -29.21
CA LYS C 27 -9.30 1.30 -27.97
C LYS C 27 -10.78 1.31 -27.58
N VAL C 28 -11.00 1.03 -26.29
CA VAL C 28 -12.32 0.91 -25.69
C VAL C 28 -12.27 1.62 -24.35
N LYS C 29 -13.30 2.41 -24.05
CA LYS C 29 -13.51 3.04 -22.76
C LYS C 29 -14.63 2.30 -22.02
N LYS C 30 -14.46 2.09 -20.71
CA LYS C 30 -15.35 1.20 -19.94
C LYS C 30 -15.79 1.86 -18.64
N GLY C 31 -17.07 1.72 -18.33
CA GLY C 31 -17.70 2.40 -17.22
C GLY C 31 -18.51 3.56 -17.75
N THR C 32 -19.65 3.85 -17.12
CA THR C 32 -20.52 4.91 -17.61
C THR C 32 -19.78 6.24 -17.64
N ASN C 33 -18.93 6.49 -16.65
CA ASN C 33 -18.25 7.76 -16.52
C ASN C 33 -17.30 8.02 -17.70
N GLU C 34 -16.37 7.09 -17.91
CA GLU C 34 -15.44 7.24 -19.02
C GLU C 34 -16.18 7.34 -20.33
N THR C 35 -17.30 6.61 -20.42
CA THR C 35 -18.07 6.53 -21.66
C THR C 35 -18.72 7.87 -22.00
N THR C 36 -19.44 8.40 -21.04
CA THR C 36 -20.01 9.71 -21.20
C THR C 36 -18.95 10.71 -21.61
N LYS C 37 -17.76 10.64 -21.00
CA LYS C 37 -16.73 11.59 -21.39
C LYS C 37 -16.41 11.44 -22.87
N ALA C 38 -16.30 10.20 -23.35
CA ALA C 38 -15.89 10.00 -24.74
C ALA C 38 -16.92 10.60 -25.68
N VAL C 39 -18.20 10.31 -25.41
CA VAL C 39 -19.28 10.87 -26.20
C VAL C 39 -19.25 12.40 -26.17
N GLU C 40 -19.04 12.98 -24.98
CA GLU C 40 -19.06 14.43 -24.89
C GLU C 40 -17.99 15.05 -25.79
N ARG C 41 -16.81 14.42 -25.85
CA ARG C 41 -15.66 14.84 -26.63
C ARG C 41 -15.70 14.39 -28.08
N GLY C 42 -16.76 13.74 -28.52
CA GLY C 42 -16.87 13.33 -29.90
C GLY C 42 -15.88 12.25 -30.29
N LEU C 43 -15.51 11.40 -29.35
CA LEU C 43 -14.53 10.36 -29.64
C LEU C 43 -15.15 8.98 -29.72
N ALA C 44 -16.43 8.86 -29.39
CA ALA C 44 -17.12 7.57 -29.26
C ALA C 44 -17.63 7.12 -30.61
N LYS C 45 -17.23 5.92 -31.03
CA LYS C 45 -17.74 5.39 -32.29
C LYS C 45 -18.95 4.48 -32.11
N LEU C 46 -18.97 3.62 -31.08
CA LEU C 46 -20.23 2.95 -30.75
C LEU C 46 -20.35 2.73 -29.24
N VAL C 47 -21.48 3.11 -28.63
CA VAL C 47 -21.65 2.91 -27.20
C VAL C 47 -22.68 1.81 -26.93
N TYR C 48 -22.42 1.06 -25.87
CA TYR C 48 -23.26 -0.02 -25.40
C TYR C 48 -23.88 0.37 -24.07
N ILE C 49 -25.18 0.12 -23.93
CA ILE C 49 -25.92 0.44 -22.71
C ILE C 49 -26.62 -0.82 -22.21
N ALA C 50 -26.41 -1.15 -20.94
CA ALA C 50 -27.08 -2.32 -20.39
C ALA C 50 -28.54 -1.97 -20.08
N GLU C 51 -29.43 -2.97 -20.22
CA GLU C 51 -30.84 -2.76 -19.95
C GLU C 51 -31.20 -3.00 -18.50
N ASP C 52 -30.43 -3.80 -17.78
CA ASP C 52 -30.73 -4.16 -16.39
C ASP C 52 -30.01 -3.26 -15.43
N VAL C 53 -29.99 -1.96 -15.66
CA VAL C 53 -29.26 -1.03 -14.81
C VAL C 53 -30.23 -0.44 -13.79
N ASP C 54 -29.92 -0.61 -12.51
CA ASP C 54 -30.78 -0.11 -11.45
C ASP C 54 -29.95 0.65 -10.42
N PRO C 55 -30.25 1.93 -10.17
CA PRO C 55 -31.32 2.73 -10.78
C PRO C 55 -31.06 3.07 -12.24
N PRO C 56 -32.14 3.27 -13.00
CA PRO C 56 -31.98 3.56 -14.44
C PRO C 56 -31.31 4.90 -14.68
N GLU C 57 -31.49 5.85 -13.76
CA GLU C 57 -30.99 7.20 -13.93
C GLU C 57 -29.48 7.23 -14.11
N ILE C 58 -28.76 6.14 -13.82
CA ILE C 58 -27.30 6.11 -13.99
C ILE C 58 -26.88 6.15 -15.47
N VAL C 59 -27.65 5.49 -16.35
CA VAL C 59 -27.39 5.45 -17.79
C VAL C 59 -28.48 6.14 -18.59
N ALA C 60 -29.43 6.82 -17.93
CA ALA C 60 -30.59 7.39 -18.62
C ALA C 60 -30.20 8.47 -19.63
N HIS C 61 -29.20 9.28 -19.29
CA HIS C 61 -28.78 10.34 -20.19
C HIS C 61 -28.09 9.81 -21.45
N LEU C 62 -27.53 8.61 -21.41
CA LEU C 62 -26.70 8.19 -22.52
C LEU C 62 -27.44 8.14 -23.85
N PRO C 63 -28.66 7.58 -23.97
CA PRO C 63 -29.30 7.56 -25.30
C PRO C 63 -29.49 8.95 -25.88
N LEU C 64 -30.08 9.85 -25.09
CA LEU C 64 -30.34 11.20 -25.55
C LEU C 64 -29.07 11.90 -25.96
N LEU C 65 -28.01 11.74 -25.17
CA LEU C 65 -26.74 12.37 -25.49
C LEU C 65 -26.21 11.84 -26.81
N CYS C 66 -26.19 10.53 -26.98
CA CYS C 66 -25.78 9.94 -28.25
C CYS C 66 -26.58 10.49 -29.41
N GLU C 67 -27.90 10.65 -29.23
CA GLU C 67 -28.72 11.11 -30.34
C GLU C 67 -28.40 12.56 -30.70
N GLU C 68 -28.17 13.44 -29.72
CA GLU C 68 -27.73 14.79 -30.08
C GLU C 68 -26.29 14.83 -30.61
N LYS C 69 -25.45 13.86 -30.28
CA LYS C 69 -24.09 13.82 -30.81
C LYS C 69 -23.92 12.99 -32.09
N ASN C 70 -25.00 12.43 -32.64
CA ASN C 70 -24.93 11.39 -33.68
C ASN C 70 -23.84 10.37 -33.39
N VAL C 71 -23.99 9.70 -32.27
CA VAL C 71 -23.20 8.51 -31.97
C VAL C 71 -24.15 7.31 -31.96
N PRO C 72 -23.88 6.27 -32.73
CA PRO C 72 -24.73 5.07 -32.67
C PRO C 72 -24.57 4.40 -31.31
N TYR C 73 -25.69 4.01 -30.72
CA TYR C 73 -25.68 3.20 -29.50
C TYR C 73 -26.48 1.92 -29.68
N ILE C 74 -26.11 0.91 -28.90
CA ILE C 74 -26.78 -0.38 -28.95
C ILE C 74 -27.01 -0.84 -27.52
N TYR C 75 -28.14 -1.47 -27.29
CA TYR C 75 -28.46 -1.96 -25.96
C TYR C 75 -28.09 -3.42 -25.85
N VAL C 76 -27.69 -3.83 -24.65
CA VAL C 76 -27.49 -5.24 -24.35
C VAL C 76 -28.21 -5.53 -23.04
N LYS C 77 -28.56 -6.81 -22.88
CA LYS C 77 -29.37 -7.26 -21.76
C LYS C 77 -28.63 -7.05 -20.46
N SER C 78 -27.56 -7.79 -20.23
CA SER C 78 -27.02 -7.82 -18.89
C SER C 78 -25.72 -7.03 -18.77
N LYS C 79 -25.63 -6.24 -17.69
CA LYS C 79 -24.39 -5.54 -17.37
C LYS C 79 -23.30 -6.53 -17.01
N ASN C 80 -23.65 -7.72 -16.47
CA ASN C 80 -22.61 -8.70 -16.17
C ASN C 80 -21.89 -9.09 -17.45
N ASP C 81 -22.68 -9.40 -18.49
CA ASP C 81 -22.15 -9.78 -19.79
C ASP C 81 -21.33 -8.66 -20.40
N LEU C 82 -21.74 -7.42 -20.15
CA LEU C 82 -20.98 -6.30 -20.69
C LEU C 82 -19.65 -6.17 -19.98
N GLY C 83 -19.64 -6.32 -18.65
CA GLY C 83 -18.37 -6.36 -17.94
C GLY C 83 -17.43 -7.40 -18.49
N ARG C 84 -17.93 -8.62 -18.61
CA ARG C 84 -17.10 -9.68 -19.19
C ARG C 84 -16.61 -9.29 -20.58
N ALA C 85 -17.44 -8.62 -21.38
CA ALA C 85 -17.05 -8.33 -22.76
C ALA C 85 -15.90 -7.33 -22.84
N VAL C 86 -15.89 -6.32 -21.96
CA VAL C 86 -14.81 -5.34 -21.93
C VAL C 86 -13.62 -5.81 -21.11
N GLY C 87 -13.69 -7.01 -20.54
CA GLY C 87 -12.54 -7.60 -19.88
C GLY C 87 -12.23 -7.03 -18.52
N ILE C 88 -13.24 -6.56 -17.80
CA ILE C 88 -13.07 -6.14 -16.43
C ILE C 88 -13.76 -7.13 -15.52
N GLU C 89 -13.43 -7.06 -14.24
CA GLU C 89 -13.80 -8.11 -13.30
C GLU C 89 -15.17 -7.88 -12.67
N VAL C 90 -15.86 -6.80 -13.04
CA VAL C 90 -17.15 -6.43 -12.45
C VAL C 90 -18.13 -6.10 -13.57
N PRO C 91 -19.44 -6.03 -13.29
CA PRO C 91 -20.39 -5.64 -14.34
C PRO C 91 -20.08 -4.25 -14.81
N CYS C 92 -20.50 -3.97 -16.04
CA CYS C 92 -20.20 -2.71 -16.68
C CYS C 92 -21.50 -2.19 -17.29
N ALA C 93 -21.98 -1.06 -16.78
CA ALA C 93 -23.28 -0.54 -17.18
C ALA C 93 -23.25 0.01 -18.61
N SER C 94 -22.12 0.55 -19.05
CA SER C 94 -22.03 1.05 -20.41
C SER C 94 -20.56 1.10 -20.81
N ALA C 95 -20.35 1.17 -22.12
CA ALA C 95 -19.01 1.14 -22.66
C ALA C 95 -19.03 1.86 -23.99
N ALA C 96 -17.84 2.06 -24.56
CA ALA C 96 -17.74 2.77 -25.81
C ALA C 96 -16.49 2.37 -26.55
N ILE C 97 -16.63 2.28 -27.85
CA ILE C 97 -15.54 2.00 -28.77
C ILE C 97 -15.10 3.31 -29.39
N ILE C 98 -13.79 3.61 -29.27
CA ILE C 98 -13.23 4.90 -29.64
C ILE C 98 -12.39 4.79 -30.90
N ASN C 99 -11.67 3.68 -31.05
CA ASN C 99 -10.77 3.47 -32.15
C ASN C 99 -11.05 2.05 -32.64
N GLU C 100 -11.42 1.92 -33.92
CA GLU C 100 -11.91 0.63 -34.41
C GLU C 100 -10.78 -0.37 -34.58
N GLY C 101 -9.53 0.11 -34.60
CA GLY C 101 -8.39 -0.75 -34.85
C GLY C 101 -8.48 -1.27 -36.27
N GLU C 102 -8.24 -2.56 -36.42
CA GLU C 102 -8.28 -3.15 -37.74
C GLU C 102 -9.70 -3.52 -38.16
N LEU C 103 -10.66 -3.51 -37.23
CA LEU C 103 -11.98 -4.08 -37.50
C LEU C 103 -12.96 -3.02 -38.02
N ARG C 104 -12.52 -2.37 -39.10
CA ARG C 104 -13.33 -1.33 -39.73
CA ARG C 104 -13.35 -1.33 -39.70
C ARG C 104 -14.63 -1.90 -40.31
N LYS C 105 -14.50 -2.93 -41.17
CA LYS C 105 -15.62 -3.43 -41.97
C LYS C 105 -16.72 -4.06 -41.12
N GLU C 106 -16.35 -4.93 -40.18
CA GLU C 106 -17.36 -5.53 -39.31
C GLU C 106 -18.16 -4.46 -38.59
N LEU C 107 -17.46 -3.43 -38.10
CA LEU C 107 -18.12 -2.32 -37.43
C LEU C 107 -19.09 -1.61 -38.35
N GLY C 108 -18.72 -1.45 -39.61
CA GLY C 108 -19.68 -0.92 -40.56
C GLY C 108 -20.95 -1.76 -40.62
N SER C 109 -20.80 -3.09 -40.77
CA SER C 109 -21.97 -3.97 -40.80
C SER C 109 -22.83 -3.79 -39.55
N LEU C 110 -22.20 -3.70 -38.38
CA LEU C 110 -22.98 -3.64 -37.14
C LEU C 110 -23.74 -2.32 -37.02
N VAL C 111 -23.07 -1.20 -37.34
CA VAL C 111 -23.77 0.08 -37.27
C VAL C 111 -24.92 0.10 -38.27
N GLU C 112 -24.75 -0.57 -39.41
CA GLU C 112 -25.81 -0.60 -40.41
C GLU C 112 -27.01 -1.39 -39.90
N LYS C 113 -26.75 -2.56 -39.33
CA LYS C 113 -27.85 -3.30 -38.70
C LYS C 113 -28.53 -2.45 -37.64
N ILE C 114 -27.79 -1.56 -36.96
CA ILE C 114 -28.42 -0.73 -35.93
C ILE C 114 -29.32 0.33 -36.57
N LYS C 115 -28.85 0.95 -37.66
CA LYS C 115 -29.67 1.92 -38.37
C LYS C 115 -31.03 1.34 -38.76
N GLY C 116 -31.09 0.03 -38.98
CA GLY C 116 -32.30 -0.61 -39.43
C GLY C 116 -33.46 -0.64 -38.45
N LEU C 117 -33.39 0.12 -37.36
CA LEU C 117 -34.43 0.05 -36.34
C LEU C 117 -35.13 1.40 -36.07
N SER D 1 16.23 13.60 15.47
CA SER D 1 15.22 14.61 15.76
C SER D 1 15.42 15.86 14.88
N TYR D 2 14.29 16.44 14.48
CA TYR D 2 14.07 17.72 13.82
C TYR D 2 14.19 18.96 14.78
N VAL D 3 14.65 18.92 16.04
CA VAL D 3 14.72 20.12 16.87
C VAL D 3 16.06 20.80 16.63
N ARG D 4 16.00 22.05 16.19
CA ARG D 4 17.15 22.81 15.76
C ARG D 4 17.59 23.87 16.76
N PHE D 5 16.81 24.09 17.83
CA PHE D 5 17.17 24.96 18.96
C PHE D 5 16.26 24.65 20.13
N GLU D 6 16.77 24.90 21.34
CA GLU D 6 15.95 24.74 22.53
C GLU D 6 15.10 25.98 22.71
N VAL D 7 13.91 25.80 23.28
CA VAL D 7 13.04 26.95 23.49
C VAL D 7 12.64 26.93 24.97
N PRO D 8 12.84 28.02 25.70
CA PRO D 8 12.44 28.05 27.11
C PRO D 8 10.93 27.89 27.25
N GLU D 9 10.53 27.02 28.18
CA GLU D 9 9.10 26.79 28.44
C GLU D 9 8.36 28.09 28.72
N ASP D 10 9.06 29.09 29.23
CA ASP D 10 8.48 30.43 29.34
C ASP D 10 7.97 30.89 27.98
N MET D 11 8.87 30.86 26.98
CA MET D 11 8.53 31.25 25.64
C MET D 11 7.46 30.35 25.03
N GLN D 12 7.57 29.03 25.26
CA GLN D 12 6.59 28.09 24.72
C GLN D 12 5.18 28.41 25.21
N ASN D 13 5.01 28.57 26.52
CA ASN D 13 3.70 28.93 27.06
C ASN D 13 3.23 30.27 26.49
N GLU D 14 4.14 31.24 26.35
CA GLU D 14 3.78 32.52 25.71
C GLU D 14 3.19 32.31 24.33
N ALA D 15 3.89 31.51 23.52
CA ALA D 15 3.47 31.29 22.14
C ALA D 15 2.11 30.59 22.10
N LEU D 16 1.93 29.55 22.91
CA LEU D 16 0.65 28.87 22.91
C LEU D 16 -0.47 29.78 23.39
N SER D 17 -0.21 30.61 24.40
CA SER D 17 -1.24 31.57 24.81
C SER D 17 -1.59 32.50 23.66
N LEU D 18 -0.58 32.97 22.91
CA LEU D 18 -0.84 33.80 21.74
C LEU D 18 -1.67 33.07 20.70
N LEU D 19 -1.41 31.77 20.49
CA LEU D 19 -2.13 30.96 19.50
C LEU D 19 -3.60 30.75 19.89
N GLU D 20 -3.85 30.41 21.17
CA GLU D 20 -5.24 30.39 21.64
C GLU D 20 -5.91 31.73 21.42
N LYS D 21 -5.24 32.84 21.78
CA LYS D 21 -5.91 34.14 21.66
C LYS D 21 -6.14 34.54 20.21
N VAL D 22 -5.27 34.12 19.28
CA VAL D 22 -5.49 34.50 17.90
C VAL D 22 -6.61 33.68 17.28
N ARG D 23 -6.68 32.37 17.59
CA ARG D 23 -7.66 31.49 16.92
C ARG D 23 -9.05 32.14 16.87
N GLU D 24 -9.20 33.28 17.53
CA GLU D 24 -10.47 33.98 17.72
C GLU D 24 -10.58 35.32 16.99
N SER D 25 -9.49 36.05 16.79
CA SER D 25 -9.54 37.26 15.97
C SER D 25 -8.72 37.16 14.68
N GLY D 26 -8.04 36.06 14.43
CA GLY D 26 -7.25 35.90 13.23
C GLY D 26 -7.55 34.57 12.57
N LYS D 27 -6.54 34.03 11.91
CA LYS D 27 -6.66 32.75 11.21
C LYS D 27 -5.50 31.85 11.56
N VAL D 28 -5.81 30.57 11.72
CA VAL D 28 -4.87 29.57 12.16
C VAL D 28 -5.07 28.36 11.26
N LYS D 29 -3.97 27.71 10.85
CA LYS D 29 -4.02 26.42 10.19
C LYS D 29 -3.58 25.39 11.21
N LYS D 30 -4.19 24.20 11.19
CA LYS D 30 -4.00 23.20 12.24
C LYS D 30 -3.84 21.82 11.61
N GLY D 31 -2.80 21.09 11.99
CA GLY D 31 -2.50 19.82 11.35
C GLY D 31 -1.40 19.98 10.32
N THR D 32 -0.50 19.00 10.22
CA THR D 32 0.65 19.15 9.35
C THR D 32 0.25 19.35 7.90
N ASN D 33 -0.81 18.69 7.47
CA ASN D 33 -1.14 18.72 6.06
C ASN D 33 -1.47 20.16 5.64
N GLU D 34 -2.41 20.78 6.37
CA GLU D 34 -2.81 22.17 6.17
C GLU D 34 -1.67 23.12 6.37
N THR D 35 -0.86 22.86 7.39
CA THR D 35 0.15 23.80 7.82
C THR D 35 1.25 23.85 6.77
N THR D 36 1.71 22.68 6.33
CA THR D 36 2.62 22.58 5.21
C THR D 36 2.10 23.33 3.99
N LYS D 37 0.82 23.11 3.63
CA LYS D 37 0.29 23.78 2.44
C LYS D 37 0.36 25.29 2.64
N ALA D 38 0.04 25.74 3.85
CA ALA D 38 0.05 27.16 4.13
C ALA D 38 1.46 27.72 3.97
N VAL D 39 2.48 26.99 4.46
CA VAL D 39 3.85 27.45 4.33
C VAL D 39 4.26 27.50 2.88
N GLU D 40 3.99 26.41 2.14
CA GLU D 40 4.32 26.37 0.72
C GLU D 40 3.60 27.45 -0.05
N ARG D 41 2.39 27.78 0.37
CA ARG D 41 1.75 28.89 -0.32
C ARG D 41 2.24 30.26 0.14
N GLY D 42 3.22 30.32 1.04
CA GLY D 42 3.75 31.61 1.47
C GLY D 42 2.77 32.49 2.23
N LEU D 43 1.89 31.90 3.05
CA LEU D 43 0.91 32.63 3.83
C LEU D 43 1.14 32.56 5.32
N ALA D 44 2.11 31.76 5.76
CA ALA D 44 2.27 31.48 7.18
C ALA D 44 3.09 32.57 7.85
N LYS D 45 2.53 33.15 8.91
CA LYS D 45 3.30 34.15 9.62
C LYS D 45 4.13 33.50 10.74
N LEU D 46 3.61 32.49 11.45
CA LEU D 46 4.45 31.72 12.39
C LEU D 46 4.01 30.26 12.47
N VAL D 47 4.94 29.30 12.36
CA VAL D 47 4.52 27.91 12.42
C VAL D 47 4.98 27.32 13.73
N TYR D 48 4.15 26.45 14.29
CA TYR D 48 4.41 25.72 15.51
C TYR D 48 4.63 24.26 15.16
N ILE D 49 5.65 23.66 15.77
CA ILE D 49 6.02 22.26 15.58
C ILE D 49 6.11 21.62 16.95
N ALA D 50 5.37 20.54 17.14
CA ALA D 50 5.45 19.81 18.39
C ALA D 50 6.70 18.95 18.37
N GLU D 51 7.35 18.81 19.55
CA GLU D 51 8.58 18.04 19.63
C GLU D 51 8.35 16.56 19.84
N ASP D 52 7.20 16.16 20.38
CA ASP D 52 6.99 14.74 20.71
C ASP D 52 6.26 13.99 19.60
N VAL D 53 6.70 14.18 18.36
CA VAL D 53 6.03 13.58 17.21
C VAL D 53 6.68 12.26 16.88
N ASP D 54 5.86 11.22 16.78
CA ASP D 54 6.32 9.87 16.52
C ASP D 54 5.42 9.26 15.45
N PRO D 55 5.96 8.87 14.27
CA PRO D 55 7.35 9.03 13.81
C PRO D 55 7.67 10.47 13.36
N PRO D 56 8.92 10.90 13.53
CA PRO D 56 9.28 12.31 13.29
C PRO D 56 9.13 12.79 11.86
N GLU D 57 9.19 11.90 10.85
CA GLU D 57 9.12 12.35 9.46
C GLU D 57 7.81 13.08 9.16
N ILE D 58 6.83 13.01 10.06
CA ILE D 58 5.59 13.74 9.84
C ILE D 58 5.83 15.26 9.89
N VAL D 59 6.71 15.73 10.76
CA VAL D 59 7.01 17.16 10.83
C VAL D 59 8.43 17.49 10.42
N ALA D 60 9.22 16.49 10.02
CA ALA D 60 10.66 16.69 9.81
C ALA D 60 10.95 17.73 8.74
N HIS D 61 10.13 17.78 7.70
CA HIS D 61 10.37 18.71 6.61
C HIS D 61 10.10 20.17 7.00
N LEU D 62 9.33 20.40 8.06
CA LEU D 62 8.85 21.76 8.32
C LEU D 62 9.93 22.79 8.62
N PRO D 63 10.97 22.52 9.43
CA PRO D 63 12.03 23.54 9.62
C PRO D 63 12.71 23.95 8.32
N LEU D 64 13.14 22.97 7.52
CA LEU D 64 13.80 23.27 6.25
C LEU D 64 12.94 24.18 5.39
N LEU D 65 11.67 23.83 5.26
CA LEU D 65 10.74 24.58 4.44
C LEU D 65 10.51 25.98 4.95
N CYS D 66 10.16 26.14 6.23
CA CYS D 66 10.02 27.48 6.79
C CYS D 66 11.26 28.31 6.54
N GLU D 67 12.41 27.66 6.60
CA GLU D 67 13.66 28.35 6.35
C GLU D 67 13.73 28.80 4.91
N GLU D 68 13.26 27.97 3.97
CA GLU D 68 13.26 28.41 2.58
C GLU D 68 12.25 29.51 2.33
N LYS D 69 11.15 29.52 3.06
CA LYS D 69 10.06 30.47 2.86
C LYS D 69 10.18 31.75 3.71
N ASN D 70 11.31 31.95 4.39
CA ASN D 70 11.45 33.01 5.40
C ASN D 70 10.21 33.02 6.29
N VAL D 71 9.93 31.89 6.92
CA VAL D 71 8.84 31.79 7.89
C VAL D 71 9.42 31.46 9.26
N PRO D 72 9.14 32.23 10.30
CA PRO D 72 9.54 31.82 11.65
C PRO D 72 8.81 30.57 12.12
N TYR D 73 9.57 29.65 12.71
CA TYR D 73 8.98 28.52 13.42
C TYR D 73 9.44 28.46 14.87
N ILE D 74 8.56 27.90 15.70
CA ILE D 74 8.86 27.76 17.11
C ILE D 74 8.43 26.35 17.50
N TYR D 75 9.18 25.74 18.42
CA TYR D 75 8.94 24.38 18.89
C TYR D 75 8.20 24.39 20.22
N VAL D 76 7.36 23.37 20.44
CA VAL D 76 6.64 23.20 21.69
C VAL D 76 6.73 21.75 22.14
N LYS D 77 6.49 21.53 23.44
CA LYS D 77 6.68 20.21 24.01
C LYS D 77 5.68 19.22 23.39
N SER D 78 4.38 19.32 23.70
CA SER D 78 3.49 18.21 23.38
C SER D 78 2.53 18.54 22.24
N LYS D 79 2.32 17.55 21.37
CA LYS D 79 1.27 17.62 20.37
C LYS D 79 -0.12 17.71 21.02
N ASN D 80 -0.32 17.12 22.21
CA ASN D 80 -1.62 17.25 22.86
C ASN D 80 -1.91 18.69 23.20
N ASP D 81 -0.92 19.38 23.80
CA ASP D 81 -1.07 20.78 24.19
C ASP D 81 -1.30 21.67 22.98
N LEU D 82 -0.66 21.32 21.86
CA LEU D 82 -0.86 22.07 20.64
C LEU D 82 -2.26 21.85 20.08
N GLY D 83 -2.72 20.60 20.11
CA GLY D 83 -4.11 20.35 19.76
C GLY D 83 -5.07 21.17 20.59
N ARG D 84 -4.88 21.15 21.92
CA ARG D 84 -5.73 21.94 22.83
C ARG D 84 -5.70 23.42 22.48
N ALA D 85 -4.51 23.93 22.12
CA ALA D 85 -4.34 25.37 21.93
C ALA D 85 -5.06 25.85 20.68
N VAL D 86 -5.05 25.05 19.62
CA VAL D 86 -5.80 25.45 18.43
C VAL D 86 -7.26 25.07 18.56
N GLY D 87 -7.68 24.50 19.69
CA GLY D 87 -9.09 24.26 19.92
C GLY D 87 -9.72 23.06 19.22
N ILE D 88 -8.99 21.97 19.09
CA ILE D 88 -9.50 20.71 18.55
C ILE D 88 -9.47 19.60 19.61
N GLU D 89 -10.11 18.49 19.25
CA GLU D 89 -10.37 17.38 20.14
C GLU D 89 -9.28 16.32 20.19
N VAL D 90 -8.28 16.40 19.31
CA VAL D 90 -7.26 15.38 19.16
C VAL D 90 -5.89 16.06 19.17
N PRO D 91 -4.81 15.29 19.37
CA PRO D 91 -3.47 15.91 19.32
C PRO D 91 -3.19 16.49 17.94
N CYS D 92 -2.35 17.53 17.93
CA CYS D 92 -2.03 18.26 16.72
C CYS D 92 -0.52 18.42 16.58
N ALA D 93 0.03 17.82 15.51
CA ALA D 93 1.49 17.80 15.32
C ALA D 93 2.07 19.16 14.90
N SER D 94 1.35 19.96 14.11
CA SER D 94 1.89 21.25 13.73
C SER D 94 0.76 22.19 13.34
N ALA D 95 1.06 23.47 13.37
CA ALA D 95 0.05 24.47 13.09
C ALA D 95 0.74 25.75 12.62
N ALA D 96 -0.05 26.74 12.24
CA ALA D 96 0.51 27.96 11.70
C ALA D 96 -0.45 29.12 11.96
N ILE D 97 0.11 30.29 12.20
CA ILE D 97 -0.63 31.53 12.34
C ILE D 97 -0.52 32.24 11.02
N ILE D 98 -1.68 32.55 10.42
CA ILE D 98 -1.79 33.05 9.05
C ILE D 98 -2.14 34.53 9.02
N ASN D 99 -3.00 34.95 9.94
CA ASN D 99 -3.44 36.33 10.09
C ASN D 99 -3.41 36.65 11.59
N GLU D 100 -2.69 37.72 11.96
CA GLU D 100 -2.41 38.01 13.35
C GLU D 100 -3.62 38.57 14.10
N GLY D 101 -4.65 39.03 13.39
CA GLY D 101 -5.77 39.66 14.06
C GLY D 101 -5.35 40.99 14.66
N GLU D 102 -5.72 41.20 15.92
CA GLU D 102 -5.38 42.43 16.62
C GLU D 102 -3.97 42.39 17.19
N LEU D 103 -3.35 41.21 17.22
CA LEU D 103 -2.12 40.91 17.94
C LEU D 103 -0.87 41.17 17.10
N ARG D 104 -0.89 42.23 16.28
CA ARG D 104 0.31 42.58 15.52
CA ARG D 104 0.32 42.54 15.52
C ARG D 104 1.51 42.73 16.45
N LYS D 105 1.35 43.55 17.49
CA LYS D 105 2.47 43.87 18.36
C LYS D 105 2.95 42.65 19.12
N GLU D 106 2.02 41.89 19.72
CA GLU D 106 2.40 40.70 20.49
C GLU D 106 3.10 39.65 19.62
N LEU D 107 2.54 39.41 18.43
CA LEU D 107 3.18 38.48 17.53
C LEU D 107 4.57 38.97 17.13
N GLY D 108 4.72 40.29 16.96
CA GLY D 108 6.04 40.86 16.76
C GLY D 108 7.02 40.59 17.90
N SER D 109 6.58 40.86 19.14
CA SER D 109 7.42 40.54 20.29
C SER D 109 7.85 39.08 20.27
N LEU D 110 6.92 38.20 19.92
CA LEU D 110 7.22 36.78 19.95
C LEU D 110 8.21 36.39 18.83
N VAL D 111 8.01 36.91 17.62
CA VAL D 111 8.95 36.60 16.54
C VAL D 111 10.32 37.14 16.89
N GLU D 112 10.37 38.29 17.59
CA GLU D 112 11.66 38.85 17.99
C GLU D 112 12.36 37.94 18.96
N LYS D 113 11.67 37.53 20.03
CA LYS D 113 12.29 36.63 20.99
C LYS D 113 12.78 35.36 20.30
N ILE D 114 12.14 35.00 19.18
CA ILE D 114 12.55 33.82 18.44
C ILE D 114 13.86 34.06 17.66
N LYS D 115 14.05 35.26 17.07
CA LYS D 115 15.35 35.48 16.44
C LYS D 115 16.51 35.23 17.39
N GLY D 116 16.36 35.56 18.67
CA GLY D 116 17.44 35.50 19.63
C GLY D 116 17.99 34.13 19.96
N LEU D 117 17.66 33.11 19.18
CA LEU D 117 18.06 31.76 19.54
C LEU D 117 18.98 31.11 18.51
N SER G 1 17.39 -21.47 27.89
CA SER G 1 16.23 -22.32 27.68
C SER G 1 16.56 -23.81 27.36
N TYR G 2 15.80 -24.41 26.43
CA TYR G 2 15.98 -25.77 25.87
C TYR G 2 17.19 -25.87 24.96
N VAL G 3 18.02 -24.84 25.07
CA VAL G 3 19.25 -24.68 24.28
C VAL G 3 20.40 -25.32 25.04
N ARG G 4 21.10 -26.24 24.39
CA ARG G 4 22.14 -27.02 25.04
C ARG G 4 23.55 -26.51 24.73
N PHE G 5 23.70 -25.58 23.79
CA PHE G 5 24.97 -24.91 23.52
C PHE G 5 24.72 -23.66 22.67
N GLU G 6 25.59 -22.67 22.82
CA GLU G 6 25.52 -21.43 22.06
C GLU G 6 26.15 -21.59 20.67
N VAL G 7 25.60 -20.87 19.70
CA VAL G 7 26.05 -20.98 18.30
C VAL G 7 26.44 -19.60 17.76
N PRO G 8 27.63 -19.50 17.17
CA PRO G 8 28.07 -18.24 16.56
C PRO G 8 27.21 -17.83 15.37
N GLU G 9 26.86 -16.56 15.33
CA GLU G 9 26.18 -16.01 14.18
C GLU G 9 26.92 -16.23 12.86
N ASP G 10 28.26 -16.27 12.85
CA ASP G 10 28.95 -16.61 11.62
C ASP G 10 28.47 -17.95 11.12
N MET G 11 28.49 -18.92 12.02
CA MET G 11 28.04 -20.27 11.71
C MET G 11 26.56 -20.28 11.34
N GLN G 12 25.74 -19.54 12.10
CA GLN G 12 24.31 -19.49 11.84
C GLN G 12 24.03 -19.05 10.42
N ASN G 13 24.58 -17.91 10.01
CA ASN G 13 24.38 -17.43 8.65
C ASN G 13 24.93 -18.39 7.64
N GLU G 14 26.08 -19.00 7.93
CA GLU G 14 26.64 -19.99 7.02
C GLU G 14 25.63 -21.07 6.76
N ALA G 15 25.02 -21.56 7.84
CA ALA G 15 24.05 -22.64 7.81
C ALA G 15 22.78 -22.24 7.07
N LEU G 16 22.22 -21.08 7.40
CA LEU G 16 20.98 -20.68 6.73
C LEU G 16 21.21 -20.53 5.23
N SER G 17 22.33 -19.90 4.85
CA SER G 17 22.62 -19.75 3.43
C SER G 17 22.74 -21.11 2.76
N LEU G 18 23.41 -22.05 3.43
CA LEU G 18 23.49 -23.43 2.92
C LEU G 18 22.11 -24.04 2.75
N LEU G 19 21.20 -23.72 3.66
CA LEU G 19 19.87 -24.33 3.64
C LEU G 19 19.10 -23.88 2.39
N GLU G 20 19.11 -22.57 2.12
CA GLU G 20 18.59 -22.07 0.86
C GLU G 20 19.21 -22.77 -0.34
N LYS G 21 20.53 -22.95 -0.34
CA LYS G 21 21.17 -23.56 -1.51
C LYS G 21 20.77 -25.01 -1.69
N VAL G 22 20.56 -25.73 -0.57
CA VAL G 22 20.26 -27.14 -0.68
C VAL G 22 18.89 -27.31 -1.28
N ARG G 23 17.97 -26.38 -0.95
CA ARG G 23 16.60 -26.42 -1.47
C ARG G 23 16.52 -26.71 -2.98
N GLU G 24 17.56 -26.38 -3.75
CA GLU G 24 17.52 -26.46 -5.21
C GLU G 24 18.33 -27.61 -5.79
N SER G 25 19.32 -28.10 -5.07
CA SER G 25 20.06 -29.29 -5.50
C SER G 25 19.87 -30.52 -4.62
N GLY G 26 19.15 -30.42 -3.48
CA GLY G 26 18.96 -31.52 -2.54
C GLY G 26 17.53 -31.66 -2.06
N LYS G 27 17.39 -32.13 -0.81
CA LYS G 27 16.07 -32.35 -0.22
C LYS G 27 16.03 -31.86 1.24
N VAL G 28 14.94 -31.16 1.58
CA VAL G 28 14.81 -30.56 2.90
C VAL G 28 13.39 -30.76 3.41
N LYS G 29 13.27 -31.08 4.70
CA LYS G 29 12.01 -31.16 5.42
C LYS G 29 11.88 -29.89 6.24
N LYS G 30 10.70 -29.30 6.30
CA LYS G 30 10.52 -28.00 6.95
C LYS G 30 9.31 -28.07 7.87
N GLY G 31 9.46 -27.61 9.09
CA GLY G 31 8.41 -27.75 10.07
C GLY G 31 8.79 -28.85 11.04
N THR G 32 8.43 -28.64 12.32
CA THR G 32 8.79 -29.59 13.38
C THR G 32 8.20 -30.97 13.18
N ASN G 33 6.97 -31.04 12.71
CA ASN G 33 6.37 -32.35 12.57
C ASN G 33 7.18 -33.19 11.59
N GLU G 34 7.45 -32.63 10.41
CA GLU G 34 8.24 -33.34 9.40
C GLU G 34 9.63 -33.68 9.92
N THR G 35 10.23 -32.76 10.65
CA THR G 35 11.62 -32.92 11.07
C THR G 35 11.73 -34.02 12.12
N THR G 36 10.89 -33.97 13.15
CA THR G 36 10.82 -35.09 14.06
C THR G 36 10.60 -36.41 13.30
N LYS G 37 9.67 -36.45 12.34
CA LYS G 37 9.47 -37.69 11.61
C LYS G 37 10.75 -38.14 10.92
N ALA G 38 11.49 -37.17 10.37
CA ALA G 38 12.71 -37.47 9.62
C ALA G 38 13.79 -38.03 10.52
N VAL G 39 14.01 -37.37 11.66
CA VAL G 39 15.00 -37.84 12.63
C VAL G 39 14.66 -39.23 13.14
N GLU G 40 13.37 -39.46 13.42
CA GLU G 40 12.91 -40.76 13.86
C GLU G 40 13.22 -41.82 12.82
N ARG G 41 12.99 -41.52 11.54
CA ARG G 41 13.30 -42.49 10.50
C ARG G 41 14.78 -42.51 10.11
N GLY G 42 15.61 -41.66 10.71
CA GLY G 42 17.03 -41.73 10.46
C GLY G 42 17.42 -41.27 9.07
N LEU G 43 16.75 -40.22 8.58
CA LEU G 43 16.99 -39.57 7.30
C LEU G 43 17.65 -38.20 7.45
N ALA G 44 17.77 -37.71 8.67
CA ALA G 44 18.16 -36.34 8.91
C ALA G 44 19.68 -36.24 8.88
N LYS G 45 20.19 -35.35 8.05
CA LYS G 45 21.64 -35.12 7.98
C LYS G 45 22.10 -33.95 8.85
N LEU G 46 21.34 -32.85 8.89
CA LEU G 46 21.54 -31.77 9.85
C LEU G 46 20.21 -31.09 10.14
N VAL G 47 19.84 -30.99 11.43
CA VAL G 47 18.54 -30.43 11.78
C VAL G 47 18.76 -29.03 12.35
N TYR G 48 17.83 -28.13 12.05
CA TYR G 48 17.87 -26.75 12.51
C TYR G 48 16.78 -26.50 13.53
N ILE G 49 17.12 -25.80 14.61
CA ILE G 49 16.17 -25.51 15.67
C ILE G 49 16.24 -24.03 15.98
N ALA G 50 15.09 -23.35 15.91
CA ALA G 50 15.03 -21.94 16.26
C ALA G 50 15.01 -21.77 17.77
N GLU G 51 15.61 -20.69 18.25
CA GLU G 51 15.70 -20.47 19.68
C GLU G 51 14.51 -19.70 20.25
N ASP G 52 13.80 -18.92 19.43
CA ASP G 52 12.73 -18.05 19.93
C ASP G 52 11.37 -18.73 19.90
N VAL G 53 11.28 -20.01 20.30
CA VAL G 53 10.04 -20.77 20.27
C VAL G 53 9.35 -20.70 21.62
N ASP G 54 8.09 -20.25 21.61
CA ASP G 54 7.22 -20.07 22.76
C ASP G 54 5.86 -20.67 22.40
N PRO G 55 5.39 -21.73 23.10
CA PRO G 55 5.98 -22.47 24.22
C PRO G 55 7.15 -23.37 23.82
N PRO G 56 8.09 -23.57 24.74
CA PRO G 56 9.32 -24.28 24.36
C PRO G 56 9.11 -25.73 23.99
N GLU G 57 8.15 -26.43 24.60
CA GLU G 57 8.02 -27.88 24.46
C GLU G 57 7.82 -28.34 23.03
N ILE G 58 7.54 -27.41 22.12
CA ILE G 58 7.34 -27.76 20.72
C ILE G 58 8.63 -28.28 20.10
N VAL G 59 9.77 -27.72 20.49
CA VAL G 59 11.07 -28.17 20.01
C VAL G 59 11.88 -28.84 21.11
N ALA G 60 11.31 -28.95 22.31
CA ALA G 60 12.07 -29.42 23.46
C ALA G 60 12.60 -30.83 23.24
N HIS G 61 11.81 -31.69 22.59
CA HIS G 61 12.26 -33.06 22.38
C HIS G 61 13.36 -33.15 21.33
N LEU G 62 13.49 -32.16 20.42
CA LEU G 62 14.42 -32.34 19.30
C LEU G 62 15.88 -32.44 19.70
N PRO G 63 16.45 -31.59 20.58
CA PRO G 63 17.86 -31.79 20.96
C PRO G 63 18.11 -33.16 21.57
N LEU G 64 17.28 -33.56 22.54
CA LEU G 64 17.41 -34.86 23.17
C LEU G 64 17.40 -35.98 22.14
N LEU G 65 16.45 -35.92 21.19
CA LEU G 65 16.32 -36.94 20.16
C LEU G 65 17.53 -36.97 19.22
N CYS G 66 17.93 -35.82 18.69
CA CYS G 66 19.10 -35.76 17.82
C CYS G 66 20.32 -36.36 18.49
N GLU G 67 20.51 -36.06 19.76
CA GLU G 67 21.67 -36.63 20.44
C GLU G 67 21.55 -38.14 20.63
N GLU G 68 20.35 -38.68 20.91
CA GLU G 68 20.27 -40.13 20.98
C GLU G 68 20.50 -40.76 19.62
N LYS G 69 20.11 -40.05 18.55
CA LYS G 69 20.27 -40.58 17.21
C LYS G 69 21.64 -40.24 16.67
N ASN G 70 22.45 -39.56 17.48
CA ASN G 70 23.71 -38.95 17.09
C ASN G 70 23.55 -38.32 15.70
N VAL G 71 22.56 -37.43 15.63
CA VAL G 71 22.29 -36.62 14.45
C VAL G 71 22.69 -35.18 14.76
N PRO G 72 23.55 -34.55 13.96
CA PRO G 72 23.91 -33.17 14.25
C PRO G 72 22.73 -32.22 14.14
N TYR G 73 22.59 -31.37 15.16
CA TYR G 73 21.64 -30.28 15.14
C TYR G 73 22.34 -28.96 15.38
N ILE G 74 21.75 -27.89 14.86
CA ILE G 74 22.26 -26.54 15.02
C ILE G 74 21.10 -25.58 15.29
N TYR G 75 21.33 -24.61 16.16
CA TYR G 75 20.33 -23.65 16.58
C TYR G 75 20.45 -22.35 15.79
N VAL G 76 19.32 -21.68 15.57
CA VAL G 76 19.33 -20.37 14.93
C VAL G 76 18.43 -19.42 15.73
N LYS G 77 18.70 -18.13 15.55
CA LYS G 77 18.06 -17.12 16.39
C LYS G 77 16.55 -17.10 16.18
N SER G 78 16.09 -16.76 14.98
CA SER G 78 14.67 -16.51 14.76
C SER G 78 14.01 -17.60 13.90
N LYS G 79 12.80 -18.01 14.32
CA LYS G 79 11.98 -18.87 13.49
C LYS G 79 11.58 -18.17 12.21
N ASN G 80 11.46 -16.83 12.24
CA ASN G 80 11.13 -16.10 11.02
C ASN G 80 12.20 -16.33 9.97
N ASP G 81 13.49 -16.25 10.37
CA ASP G 81 14.62 -16.46 9.44
C ASP G 81 14.67 -17.88 8.91
N LEU G 82 14.31 -18.87 9.75
CA LEU G 82 14.27 -20.26 9.31
C LEU G 82 13.11 -20.51 8.35
N GLY G 83 11.94 -19.92 8.62
CA GLY G 83 10.87 -19.92 7.64
C GLY G 83 11.31 -19.36 6.30
N ARG G 84 11.96 -18.19 6.32
CA ARG G 84 12.49 -17.63 5.08
C ARG G 84 13.48 -18.58 4.40
N ALA G 85 14.34 -19.25 5.19
CA ALA G 85 15.38 -20.10 4.59
C ALA G 85 14.81 -21.35 3.93
N VAL G 86 13.74 -21.92 4.48
CA VAL G 86 13.15 -23.09 3.83
C VAL G 86 12.18 -22.68 2.75
N GLY G 87 12.00 -21.39 2.53
CA GLY G 87 11.20 -20.93 1.42
C GLY G 87 9.71 -20.97 1.64
N ILE G 88 9.24 -20.73 2.86
CA ILE G 88 7.82 -20.64 3.16
C ILE G 88 7.48 -19.22 3.63
N GLU G 89 6.17 -18.97 3.67
CA GLU G 89 5.54 -17.70 4.00
C GLU G 89 5.28 -17.51 5.50
N VAL G 90 5.62 -18.48 6.35
CA VAL G 90 5.33 -18.37 7.78
C VAL G 90 6.56 -18.76 8.60
N PRO G 91 6.62 -18.44 9.90
CA PRO G 91 7.75 -18.88 10.72
C PRO G 91 7.77 -20.39 10.81
N CYS G 92 8.99 -20.91 11.02
CA CYS G 92 9.30 -22.33 11.04
C CYS G 92 10.15 -22.64 12.26
N ALA G 93 9.58 -23.45 13.17
CA ALA G 93 10.21 -23.74 14.45
C ALA G 93 11.44 -24.69 14.33
N SER G 94 11.42 -25.65 13.41
CA SER G 94 12.58 -26.50 13.16
C SER G 94 12.50 -27.06 11.74
N ALA G 95 13.63 -27.53 11.25
CA ALA G 95 13.77 -28.02 9.89
C ALA G 95 14.98 -28.95 9.87
N ALA G 96 15.24 -29.56 8.71
CA ALA G 96 16.28 -30.56 8.61
C ALA G 96 16.72 -30.73 7.16
N ILE G 97 17.99 -31.08 6.97
CA ILE G 97 18.49 -31.46 5.66
C ILE G 97 18.55 -32.98 5.55
N ILE G 98 17.92 -33.52 4.50
CA ILE G 98 17.66 -34.95 4.35
C ILE G 98 18.59 -35.57 3.31
N ASN G 99 18.85 -34.84 2.23
CA ASN G 99 19.68 -35.29 1.11
C ASN G 99 20.50 -34.08 0.71
N GLU G 100 21.82 -34.21 0.70
CA GLU G 100 22.66 -33.02 0.53
C GLU G 100 22.72 -32.51 -0.91
N GLY G 101 22.37 -33.34 -1.89
CA GLY G 101 22.57 -32.95 -3.28
C GLY G 101 24.05 -32.84 -3.61
N GLU G 102 24.41 -31.76 -4.29
CA GLU G 102 25.80 -31.57 -4.72
C GLU G 102 26.68 -31.02 -3.62
N LEU G 103 26.09 -30.58 -2.51
CA LEU G 103 26.85 -29.86 -1.49
C LEU G 103 27.44 -30.80 -0.44
N ARG G 104 28.01 -31.92 -0.91
CA ARG G 104 28.73 -32.87 -0.06
C ARG G 104 29.76 -32.15 0.81
N LYS G 105 30.57 -31.28 0.20
CA LYS G 105 31.72 -30.68 0.88
C LYS G 105 31.32 -29.54 1.81
N GLU G 106 30.43 -28.63 1.34
CA GLU G 106 29.99 -27.53 2.21
C GLU G 106 29.33 -28.04 3.47
N LEU G 107 28.45 -29.02 3.33
CA LEU G 107 27.82 -29.60 4.50
C LEU G 107 28.84 -30.29 5.40
N GLY G 108 29.84 -30.95 4.81
CA GLY G 108 30.93 -31.49 5.64
C GLY G 108 31.62 -30.42 6.46
N SER G 109 32.00 -29.30 5.82
CA SER G 109 32.61 -28.19 6.55
C SER G 109 31.72 -27.76 7.70
N LEU G 110 30.44 -27.60 7.43
CA LEU G 110 29.55 -27.02 8.42
C LEU G 110 29.33 -27.95 9.61
N VAL G 111 29.06 -29.23 9.34
CA VAL G 111 28.82 -30.16 10.44
C VAL G 111 30.07 -30.29 11.29
N GLU G 112 31.26 -30.20 10.67
CA GLU G 112 32.48 -30.26 11.44
C GLU G 112 32.60 -29.04 12.34
N LYS G 113 32.33 -27.84 11.78
CA LYS G 113 32.35 -26.63 12.61
C LYS G 113 31.39 -26.76 13.79
N ILE G 114 30.30 -27.50 13.63
CA ILE G 114 29.33 -27.64 14.72
C ILE G 114 29.88 -28.51 15.85
N LYS G 115 30.59 -29.61 15.53
CA LYS G 115 31.17 -30.38 16.64
C LYS G 115 32.04 -29.54 17.58
N GLY G 116 32.67 -28.50 17.05
CA GLY G 116 33.62 -27.71 17.81
C GLY G 116 33.09 -26.95 19.01
N LEU G 117 31.89 -27.25 19.46
CA LEU G 117 31.29 -26.47 20.53
C LEU G 117 31.04 -27.32 21.76
#